data_1DR3
#
_entry.id   1DR3
#
_cell.length_a   89.200
_cell.length_b   48.310
_cell.length_c   64.230
_cell.angle_alpha   90.00
_cell.angle_beta   124.80
_cell.angle_gamma   90.00
#
_symmetry.space_group_name_H-M   'C 1 2 1'
#
loop_
_entity.id
_entity.type
_entity.pdbx_description
1 polymer 'DIHYDROFOLATE REDUCTASE'
2 non-polymer 'CALCIUM ION'
3 non-polymer '7-THIONICOTINAMIDE-ADENINE-DINUCLEOTIDE PHOSPHATE'
4 non-polymer 7,8-DIHYDROBIOPTERIN
5 water water
#
_entity_poly.entity_id   1
_entity_poly.type   'polypeptide(L)'
_entity_poly.pdbx_seq_one_letter_code
;VRSLNSIVAVCQNMGIGKDGNLPWPPLRNEYKYFQRMTSTSHVEGKQNAVIMGKKTWFSIPEKNRPLKDRINIVLSRELK
EAPKGAHYLSKSLDDALALLDSPELKSKVDMVWIVGGTAVYKAAMEKPINHRLFVTRILHEFESDTFFPEIDYKDFKLLT
EYPGVPADIQEEDGIQYKFEVYQKSVLAQ
;
_entity_poly.pdbx_strand_id   A
#
loop_
_chem_comp.id
_chem_comp.type
_chem_comp.name
_chem_comp.formula
CA non-polymer 'CALCIUM ION' 'Ca 2'
HBI non-polymer 7,8-DIHYDROBIOPTERIN 'C9 H13 N5 O3'
TAP non-polymer '7-THIONICOTINAMIDE-ADENINE-DINUCLEOTIDE PHOSPHATE' 'C21 H28 N7 O16 P3 S'
#
# COMPACT_ATOMS: atom_id res chain seq x y z
N VAL A 1 -14.41 5.04 -7.82
CA VAL A 1 -13.91 3.66 -7.92
C VAL A 1 -14.68 2.77 -6.95
N ARG A 2 -14.79 1.51 -7.31
CA ARG A 2 -15.54 0.51 -6.55
C ARG A 2 -15.02 0.29 -5.15
N SER A 3 -13.71 0.10 -5.01
CA SER A 3 -13.11 -0.19 -3.70
C SER A 3 -11.61 0.04 -3.72
N LEU A 4 -11.09 0.26 -2.52
CA LEU A 4 -9.67 0.49 -2.30
C LEU A 4 -9.08 -0.75 -1.59
N ASN A 5 -7.79 -0.87 -1.78
CA ASN A 5 -6.91 -1.80 -1.12
C ASN A 5 -5.67 -1.00 -0.62
N SER A 6 -5.35 -1.28 0.60
CA SER A 6 -4.14 -0.70 1.23
C SER A 6 -3.30 -1.88 1.70
N ILE A 7 -2.01 -1.69 1.62
CA ILE A 7 -1.07 -2.73 2.09
C ILE A 7 0.02 -2.06 2.92
N VAL A 8 0.37 -2.69 4.02
CA VAL A 8 1.44 -2.12 4.87
C VAL A 8 2.06 -3.21 5.74
N ALA A 9 3.26 -2.93 6.19
CA ALA A 9 3.95 -3.81 7.18
C ALA A 9 4.18 -2.91 8.41
N VAL A 10 3.81 -3.37 9.60
CA VAL A 10 4.01 -2.58 10.82
C VAL A 10 4.63 -3.43 11.93
N CYS A 11 5.37 -2.72 12.80
CA CYS A 11 5.95 -3.42 13.97
C CYS A 11 5.04 -3.15 15.16
N GLN A 12 5.43 -3.68 16.30
CA GLN A 12 4.63 -3.62 17.52
C GLN A 12 4.28 -2.24 17.98
N ASN A 13 5.14 -1.29 17.74
CA ASN A 13 4.89 0.11 18.10
C ASN A 13 4.18 0.85 16.98
N MET A 14 3.68 0.17 15.97
CA MET A 14 3.00 0.76 14.83
C MET A 14 3.91 1.56 13.90
N GLY A 15 5.20 1.36 14.02
CA GLY A 15 6.15 2.14 13.16
C GLY A 15 6.17 1.49 11.76
N ILE A 16 6.33 2.30 10.72
CA ILE A 16 6.35 1.83 9.35
C ILE A 16 7.62 2.28 8.63
N GLY A 17 8.40 3.15 9.28
CA GLY A 17 9.64 3.62 8.67
C GLY A 17 10.57 4.32 9.64
N LYS A 18 11.81 4.47 9.17
CA LYS A 18 12.85 5.17 9.96
C LYS A 18 13.93 5.64 9.00
N ASP A 19 14.28 6.91 9.11
CA ASP A 19 15.35 7.48 8.24
C ASP A 19 15.12 7.22 6.75
N GLY A 20 13.88 7.30 6.30
CA GLY A 20 13.57 7.18 4.90
C GLY A 20 13.56 5.75 4.41
N ASN A 21 13.60 4.82 5.36
CA ASN A 21 13.53 3.40 4.98
C ASN A 21 12.64 2.66 5.96
N LEU A 22 12.58 1.35 5.80
CA LEU A 22 11.86 0.48 6.74
C LEU A 22 12.70 0.31 8.02
N PRO A 23 12.01 0.15 9.13
CA PRO A 23 12.69 0.01 10.43
C PRO A 23 13.40 -1.31 10.58
N TRP A 24 13.08 -2.31 9.79
CA TRP A 24 13.78 -3.64 9.98
C TRP A 24 14.63 -3.93 8.76
N PRO A 25 15.60 -4.80 8.91
CA PRO A 25 16.44 -5.23 7.76
C PRO A 25 15.50 -6.07 6.88
N PRO A 26 15.99 -6.38 5.69
CA PRO A 26 15.21 -7.07 4.68
C PRO A 26 14.68 -8.40 5.10
N LEU A 27 13.42 -8.62 4.79
CA LEU A 27 12.64 -9.84 4.91
C LEU A 27 12.16 -10.18 3.49
N ARG A 28 12.80 -11.17 2.94
CA ARG A 28 12.56 -11.65 1.57
C ARG A 28 11.14 -12.04 1.30
N ASN A 29 10.58 -12.91 2.11
CA ASN A 29 9.24 -13.44 1.96
C ASN A 29 8.16 -12.39 2.13
N GLU A 30 8.37 -11.47 3.05
CA GLU A 30 7.33 -10.42 3.27
C GLU A 30 7.31 -9.52 2.02
N TYR A 31 8.48 -9.29 1.47
CA TYR A 31 8.67 -8.45 0.28
C TYR A 31 8.01 -9.06 -0.93
N LYS A 32 8.24 -10.34 -1.15
CA LYS A 32 7.62 -11.09 -2.24
C LYS A 32 6.10 -11.05 -2.10
N TYR A 33 5.64 -11.00 -0.87
CA TYR A 33 4.17 -10.98 -0.60
C TYR A 33 3.57 -9.69 -1.15
N PHE A 34 4.31 -8.61 -0.87
CA PHE A 34 3.89 -7.26 -1.28
C PHE A 34 3.89 -7.15 -2.79
N GLN A 35 4.93 -7.67 -3.41
CA GLN A 35 5.08 -7.70 -4.87
C GLN A 35 3.92 -8.47 -5.52
N ARG A 36 3.69 -9.67 -4.99
CA ARG A 36 2.63 -10.54 -5.44
C ARG A 36 1.27 -9.92 -5.28
N MET A 37 0.95 -9.37 -4.12
CA MET A 37 -0.38 -8.79 -3.91
C MET A 37 -0.61 -7.54 -4.76
N THR A 38 0.40 -6.69 -4.90
CA THR A 38 0.20 -5.44 -5.62
C THR A 38 0.18 -5.59 -7.11
N SER A 39 0.93 -6.53 -7.63
CA SER A 39 1.07 -6.81 -9.05
C SER A 39 -0.02 -7.68 -9.68
N THR A 40 -0.66 -8.55 -8.95
CA THR A 40 -1.63 -9.50 -9.47
C THR A 40 -3.00 -8.95 -9.77
N SER A 41 -3.27 -8.81 -11.05
CA SER A 41 -4.58 -8.37 -11.58
C SER A 41 -5.42 -9.62 -11.86
N HIS A 42 -6.72 -9.55 -11.80
CA HIS A 42 -7.52 -10.77 -12.09
C HIS A 42 -8.25 -10.62 -13.41
N VAL A 43 -7.67 -9.86 -14.31
CA VAL A 43 -8.30 -9.61 -15.62
C VAL A 43 -7.22 -9.40 -16.66
N GLU A 44 -7.34 -10.15 -17.75
CA GLU A 44 -6.31 -10.05 -18.81
C GLU A 44 -6.44 -8.70 -19.49
N GLY A 45 -5.29 -8.11 -19.75
CA GLY A 45 -5.22 -6.81 -20.43
C GLY A 45 -5.28 -5.66 -19.46
N LYS A 46 -5.40 -5.95 -18.17
CA LYS A 46 -5.44 -4.89 -17.14
C LYS A 46 -4.27 -5.03 -16.19
N GLN A 47 -3.94 -3.92 -15.57
CA GLN A 47 -2.82 -3.85 -14.59
C GLN A 47 -3.39 -3.15 -13.33
N ASN A 48 -2.68 -3.30 -12.25
CA ASN A 48 -3.07 -2.64 -10.98
C ASN A 48 -2.41 -1.25 -10.96
N ALA A 49 -3.05 -0.39 -10.20
CA ALA A 49 -2.49 0.94 -9.91
C ALA A 49 -2.03 0.95 -8.42
N VAL A 50 -0.87 1.55 -8.23
CA VAL A 50 -0.35 1.80 -6.87
C VAL A 50 -0.30 3.31 -6.64
N ILE A 51 -0.79 3.76 -5.51
CA ILE A 51 -0.71 5.20 -5.18
C ILE A 51 0.23 5.38 -3.98
N MET A 52 1.06 6.44 -4.05
CA MET A 52 2.03 6.64 -2.95
C MET A 52 2.44 8.08 -2.83
N GLY A 53 2.93 8.41 -1.63
CA GLY A 53 3.42 9.76 -1.31
C GLY A 53 4.79 9.95 -1.95
N LYS A 54 5.28 11.17 -1.90
CA LYS A 54 6.57 11.58 -2.47
C LYS A 54 7.75 10.88 -1.81
N LYS A 55 7.72 10.87 -0.47
CA LYS A 55 8.79 10.27 0.33
C LYS A 55 8.91 8.79 -0.03
N THR A 56 7.77 8.13 -0.05
CA THR A 56 7.77 6.71 -0.40
C THR A 56 8.40 6.45 -1.76
N TRP A 57 7.96 7.23 -2.75
CA TRP A 57 8.49 7.09 -4.12
C TRP A 57 10.02 7.21 -4.11
N PHE A 58 10.51 8.23 -3.40
CA PHE A 58 11.98 8.43 -3.42
C PHE A 58 12.68 7.38 -2.58
N SER A 59 11.90 6.62 -1.77
CA SER A 59 12.58 5.60 -0.93
C SER A 59 12.95 4.38 -1.76
N ILE A 60 12.35 4.24 -2.93
CA ILE A 60 12.63 3.07 -3.78
C ILE A 60 13.88 3.37 -4.61
N PRO A 61 14.82 2.43 -4.54
CA PRO A 61 16.08 2.58 -5.29
C PRO A 61 15.68 2.95 -6.73
N GLU A 62 16.35 3.92 -7.26
CA GLU A 62 16.08 4.50 -8.56
C GLU A 62 16.01 3.53 -9.71
N LYS A 63 16.91 2.53 -9.66
CA LYS A 63 16.92 1.53 -10.76
C LYS A 63 15.69 0.66 -10.66
N ASN A 64 15.08 0.63 -9.49
CA ASN A 64 13.88 -0.18 -9.23
C ASN A 64 12.62 0.61 -9.54
N ARG A 65 12.75 1.79 -10.13
CA ARG A 65 11.54 2.62 -10.38
C ARG A 65 11.19 2.66 -11.86
N PRO A 66 9.90 2.68 -12.16
CA PRO A 66 8.79 2.52 -11.23
C PRO A 66 8.54 1.03 -10.95
N LEU A 67 7.71 0.81 -9.93
CA LEU A 67 7.38 -0.58 -9.58
C LEU A 67 6.83 -1.23 -10.87
N LYS A 68 7.59 -2.20 -11.35
CA LYS A 68 7.28 -2.97 -12.56
C LYS A 68 5.88 -3.56 -12.51
N ASP A 69 5.22 -3.51 -13.64
CA ASP A 69 3.93 -4.03 -13.98
C ASP A 69 2.75 -3.38 -13.30
N ARG A 70 2.95 -2.18 -12.77
CA ARG A 70 1.81 -1.47 -12.14
C ARG A 70 1.90 -0.02 -12.60
N ILE A 71 0.76 0.62 -12.58
CA ILE A 71 0.72 2.09 -12.90
C ILE A 71 1.05 2.83 -11.60
N ASN A 72 2.17 3.51 -11.59
CA ASN A 72 2.66 4.27 -10.42
C ASN A 72 2.11 5.69 -10.46
N ILE A 73 1.41 6.05 -9.41
CA ILE A 73 0.86 7.41 -9.24
C ILE A 73 1.45 7.97 -7.92
N VAL A 74 2.13 9.07 -8.03
CA VAL A 74 2.71 9.75 -6.85
C VAL A 74 1.87 10.98 -6.49
N LEU A 75 1.74 11.23 -5.21
CA LEU A 75 0.98 12.39 -4.71
C LEU A 75 1.99 13.41 -4.17
N SER A 76 1.73 14.65 -4.48
CA SER A 76 2.59 15.76 -4.03
C SER A 76 1.81 17.08 -4.30
N ARG A 77 1.93 17.92 -3.30
CA ARG A 77 1.35 19.27 -3.34
C ARG A 77 2.44 20.20 -3.92
N GLU A 78 3.69 19.79 -3.92
CA GLU A 78 4.78 20.59 -4.39
C GLU A 78 5.28 20.35 -5.78
N LEU A 79 5.27 19.12 -6.27
CA LEU A 79 5.84 18.86 -7.59
C LEU A 79 4.94 19.44 -8.68
N LYS A 80 5.64 19.79 -9.73
CA LYS A 80 5.07 20.40 -10.94
C LYS A 80 4.78 19.32 -12.00
N GLU A 81 5.63 18.32 -12.01
CA GLU A 81 5.53 17.18 -12.95
C GLU A 81 5.89 15.88 -12.24
N ALA A 82 5.36 14.78 -12.75
CA ALA A 82 5.66 13.45 -12.20
C ALA A 82 7.18 13.26 -12.25
N PRO A 83 7.67 12.69 -11.16
CA PRO A 83 9.12 12.41 -11.07
C PRO A 83 9.41 11.41 -12.21
N LYS A 84 10.63 11.49 -12.65
CA LYS A 84 11.22 10.65 -13.69
C LYS A 84 10.92 9.19 -13.35
N GLY A 85 10.12 8.57 -14.18
CA GLY A 85 9.70 7.19 -14.08
C GLY A 85 8.29 6.95 -13.61
N ALA A 86 7.68 7.90 -12.95
CA ALA A 86 6.29 7.69 -12.46
C ALA A 86 5.37 7.92 -13.67
N HIS A 87 4.23 7.28 -13.68
CA HIS A 87 3.23 7.40 -14.70
C HIS A 87 2.38 8.65 -14.54
N TYR A 88 1.99 8.97 -13.32
CA TYR A 88 1.13 10.14 -13.07
C TYR A 88 1.43 10.78 -11.74
N LEU A 89 1.16 12.06 -11.68
CA LEU A 89 1.35 12.87 -10.47
C LEU A 89 -0.05 13.42 -10.17
N SER A 90 -0.41 13.46 -8.91
CA SER A 90 -1.70 13.98 -8.46
C SER A 90 -1.45 14.81 -7.20
N LYS A 91 -2.31 15.77 -7.00
CA LYS A 91 -2.20 16.74 -5.91
C LYS A 91 -3.02 16.33 -4.71
N SER A 92 -3.87 15.35 -4.87
CA SER A 92 -4.62 14.84 -3.68
C SER A 92 -5.12 13.44 -4.06
N LEU A 93 -5.58 12.70 -3.04
CA LEU A 93 -6.13 11.36 -3.32
C LEU A 93 -7.33 11.47 -4.24
N ASP A 94 -8.19 12.41 -3.93
CA ASP A 94 -9.41 12.64 -4.76
C ASP A 94 -9.04 12.77 -6.23
N ASP A 95 -8.11 13.65 -6.51
CA ASP A 95 -7.58 13.86 -7.86
C ASP A 95 -7.15 12.50 -8.41
N ALA A 96 -6.36 11.79 -7.60
CA ALA A 96 -5.87 10.47 -8.06
C ALA A 96 -7.08 9.59 -8.36
N LEU A 97 -8.09 9.65 -7.49
CA LEU A 97 -9.26 8.78 -7.74
C LEU A 97 -9.96 9.11 -9.03
N ALA A 98 -10.19 10.38 -9.27
CA ALA A 98 -10.80 10.88 -10.52
C ALA A 98 -10.00 10.44 -11.74
N LEU A 99 -8.68 10.63 -11.70
CA LEU A 99 -7.84 10.22 -12.84
C LEU A 99 -8.13 8.76 -13.19
N LEU A 100 -8.18 7.92 -12.18
CA LEU A 100 -8.41 6.49 -12.32
C LEU A 100 -9.69 6.24 -13.11
N ASP A 101 -10.74 6.94 -12.77
CA ASP A 101 -12.04 6.86 -13.44
C ASP A 101 -11.96 7.38 -14.87
N SER A 102 -11.01 8.25 -15.12
CA SER A 102 -10.83 8.81 -16.48
C SER A 102 -10.92 7.65 -17.46
N PRO A 103 -11.38 7.98 -18.66
CA PRO A 103 -11.62 6.99 -19.72
C PRO A 103 -10.37 6.23 -20.10
N GLU A 104 -9.29 6.95 -20.34
CA GLU A 104 -8.00 6.39 -20.72
C GLU A 104 -7.50 5.34 -19.74
N LEU A 105 -7.71 5.56 -18.45
CA LEU A 105 -7.26 4.71 -17.36
C LEU A 105 -8.23 3.59 -17.02
N LYS A 106 -9.45 3.99 -16.77
CA LYS A 106 -10.55 3.14 -16.36
C LYS A 106 -10.49 1.74 -16.94
N SER A 107 -10.31 1.65 -18.24
CA SER A 107 -10.28 0.35 -18.93
C SER A 107 -8.93 -0.34 -18.84
N LYS A 108 -7.93 0.38 -18.38
CA LYS A 108 -6.58 -0.15 -18.26
C LYS A 108 -6.27 -0.68 -16.86
N VAL A 109 -7.11 -0.29 -15.92
CA VAL A 109 -6.91 -0.61 -14.53
C VAL A 109 -7.83 -1.63 -13.90
N ASP A 110 -7.21 -2.54 -13.17
CA ASP A 110 -7.93 -3.57 -12.40
C ASP A 110 -8.06 -3.05 -10.96
N MET A 111 -7.05 -3.34 -10.14
CA MET A 111 -7.10 -2.94 -8.72
C MET A 111 -6.29 -1.69 -8.42
N VAL A 112 -6.75 -0.94 -7.40
CA VAL A 112 -6.07 0.24 -6.89
C VAL A 112 -5.48 -0.14 -5.50
N TRP A 113 -4.18 -0.01 -5.38
CA TRP A 113 -3.49 -0.31 -4.08
C TRP A 113 -2.87 0.99 -3.53
N ILE A 114 -3.09 1.21 -2.27
CA ILE A 114 -2.53 2.35 -1.53
C ILE A 114 -1.29 1.77 -0.80
N VAL A 115 -0.13 2.31 -1.08
CA VAL A 115 1.12 1.85 -0.54
C VAL A 115 1.84 2.81 0.38
N GLY A 116 1.10 3.76 0.92
CA GLY A 116 1.57 4.72 1.94
C GLY A 116 2.26 5.94 1.37
N GLY A 117 2.79 6.81 2.23
CA GLY A 117 2.91 6.73 3.67
C GLY A 117 1.69 7.17 4.46
N THR A 118 1.97 7.61 5.68
CA THR A 118 1.02 7.94 6.72
C THR A 118 -0.19 8.71 6.22
N ALA A 119 0.12 9.89 5.68
CA ALA A 119 -0.95 10.80 5.19
C ALA A 119 -1.75 10.10 4.12
N VAL A 120 -1.10 9.33 3.25
CA VAL A 120 -1.79 8.57 2.23
C VAL A 120 -2.76 7.52 2.78
N TYR A 121 -2.27 6.81 3.79
CA TYR A 121 -3.10 5.75 4.38
C TYR A 121 -4.32 6.40 5.03
N LYS A 122 -4.04 7.48 5.74
CA LYS A 122 -5.09 8.17 6.49
C LYS A 122 -6.24 8.58 5.57
N ALA A 123 -5.84 9.36 4.57
CA ALA A 123 -6.76 9.86 3.55
C ALA A 123 -7.62 8.72 2.98
N ALA A 124 -6.99 7.63 2.63
CA ALA A 124 -7.75 6.52 1.99
C ALA A 124 -8.70 5.91 3.00
N MET A 125 -8.23 5.83 4.25
CA MET A 125 -9.02 5.23 5.30
C MET A 125 -10.32 5.96 5.57
N GLU A 126 -10.31 7.25 5.46
CA GLU A 126 -11.48 8.10 5.67
C GLU A 126 -12.47 8.09 4.53
N LYS A 127 -12.12 7.70 3.34
CA LYS A 127 -13.08 7.69 2.21
C LYS A 127 -14.16 6.65 2.55
N PRO A 128 -15.40 7.08 2.36
CA PRO A 128 -16.56 6.23 2.67
C PRO A 128 -16.76 5.33 1.45
N ILE A 129 -15.79 4.43 1.32
CA ILE A 129 -15.85 3.46 0.21
C ILE A 129 -15.33 2.12 0.73
N ASN A 130 -15.73 1.08 0.06
CA ASN A 130 -15.35 -0.30 0.38
C ASN A 130 -13.84 -0.40 0.31
N HIS A 131 -13.30 -0.97 1.37
CA HIS A 131 -11.81 -0.96 1.54
C HIS A 131 -11.36 -2.19 2.30
N ARG A 132 -10.30 -2.79 1.78
CA ARG A 132 -9.61 -3.95 2.37
C ARG A 132 -8.16 -3.54 2.70
N LEU A 133 -7.82 -3.76 3.94
CA LEU A 133 -6.52 -3.43 4.50
C LEU A 133 -5.78 -4.75 4.77
N PHE A 134 -4.65 -4.84 4.11
CA PHE A 134 -3.72 -5.97 4.23
C PHE A 134 -2.56 -5.51 5.11
N VAL A 135 -2.58 -6.07 6.33
CA VAL A 135 -1.55 -5.72 7.33
C VAL A 135 -0.63 -6.90 7.64
N THR A 136 0.66 -6.66 7.58
CA THR A 136 1.64 -7.67 8.07
C THR A 136 2.11 -7.16 9.46
N ARG A 137 1.78 -7.91 10.49
CA ARG A 137 2.17 -7.53 11.85
C ARG A 137 3.47 -8.21 12.25
N ILE A 138 4.53 -7.41 12.32
CA ILE A 138 5.87 -7.94 12.72
C ILE A 138 5.91 -7.85 14.24
N LEU A 139 6.02 -9.00 14.84
CA LEU A 139 5.87 -9.22 16.28
C LEU A 139 7.10 -8.85 17.07
N HIS A 140 7.60 -7.67 16.80
CA HIS A 140 8.81 -7.16 17.49
C HIS A 140 8.74 -5.64 17.37
N GLU A 141 9.56 -4.96 18.12
CA GLU A 141 9.62 -3.49 18.07
C GLU A 141 10.95 -3.04 17.48
N PHE A 142 10.86 -2.00 16.66
CA PHE A 142 12.08 -1.40 16.05
C PHE A 142 11.94 0.12 16.19
N GLU A 143 13.06 0.82 16.30
CA GLU A 143 12.98 2.30 16.36
C GLU A 143 12.46 2.78 15.00
N SER A 144 11.43 3.59 15.08
CA SER A 144 10.69 4.16 13.97
C SER A 144 10.50 5.66 14.20
N ASP A 145 10.44 6.35 13.07
CA ASP A 145 10.18 7.81 13.11
C ASP A 145 8.86 8.09 12.37
N THR A 146 8.27 7.07 11.79
CA THR A 146 7.01 7.23 11.00
C THR A 146 6.05 6.12 11.42
N PHE A 147 4.77 6.44 11.56
CA PHE A 147 3.77 5.48 12.05
C PHE A 147 2.51 5.36 11.22
N PHE A 148 1.93 4.18 11.42
CA PHE A 148 0.64 3.86 10.80
C PHE A 148 -0.44 4.57 11.63
N PRO A 149 -1.33 5.23 10.92
CA PRO A 149 -2.46 5.91 11.60
C PRO A 149 -3.33 4.84 12.28
N GLU A 150 -4.13 5.31 13.20
CA GLU A 150 -5.06 4.51 13.97
C GLU A 150 -6.23 4.07 13.11
N ILE A 151 -6.50 2.78 13.10
CA ILE A 151 -7.63 2.20 12.33
C ILE A 151 -8.85 2.11 13.22
N ASP A 152 -10.01 2.51 12.68
CA ASP A 152 -11.28 2.43 13.39
C ASP A 152 -11.75 0.96 13.38
N TYR A 153 -11.49 0.29 14.49
CA TYR A 153 -11.90 -1.08 14.69
C TYR A 153 -13.41 -1.23 14.59
N LYS A 154 -14.12 -0.12 14.64
CA LYS A 154 -15.59 -0.18 14.48
C LYS A 154 -15.98 -0.34 13.02
N ASP A 155 -15.20 0.22 12.13
CA ASP A 155 -15.41 0.15 10.69
C ASP A 155 -14.72 -1.05 10.04
N PHE A 156 -13.45 -1.19 10.40
CA PHE A 156 -12.57 -2.21 9.82
C PHE A 156 -12.70 -3.49 10.62
N LYS A 157 -13.37 -4.47 10.04
CA LYS A 157 -13.52 -5.78 10.72
C LYS A 157 -12.42 -6.74 10.24
N LEU A 158 -11.75 -7.29 11.20
CA LEU A 158 -10.65 -8.27 10.95
C LEU A 158 -11.33 -9.51 10.39
N LEU A 159 -10.88 -9.99 9.26
CA LEU A 159 -11.42 -11.26 8.71
C LEU A 159 -10.66 -12.38 9.40
N THR A 160 -11.33 -13.52 9.57
CA THR A 160 -10.66 -14.67 10.24
C THR A 160 -9.93 -15.49 9.21
N GLU A 161 -10.28 -15.32 7.96
CA GLU A 161 -9.65 -16.00 6.85
C GLU A 161 -9.88 -15.26 5.53
N TYR A 162 -8.90 -15.40 4.66
CA TYR A 162 -8.95 -14.76 3.34
C TYR A 162 -8.11 -15.67 2.41
N PRO A 163 -8.70 -15.94 1.26
CA PRO A 163 -8.09 -16.75 0.22
C PRO A 163 -6.71 -16.28 -0.21
N GLY A 164 -5.72 -17.13 -0.01
CA GLY A 164 -4.35 -16.84 -0.44
C GLY A 164 -3.51 -16.17 0.62
N VAL A 165 -4.09 -16.02 1.82
CA VAL A 165 -3.34 -15.39 2.91
C VAL A 165 -3.11 -16.41 4.00
N PRO A 166 -1.83 -16.75 4.16
CA PRO A 166 -1.44 -17.74 5.18
C PRO A 166 -2.08 -17.33 6.49
N ALA A 167 -2.46 -18.32 7.28
CA ALA A 167 -3.13 -18.06 8.56
C ALA A 167 -2.22 -17.98 9.77
N ASP A 168 -1.23 -18.86 9.81
CA ASP A 168 -0.33 -18.99 10.95
C ASP A 168 0.69 -17.86 11.01
N ILE A 169 1.32 -17.83 12.19
CA ILE A 169 2.46 -16.96 12.44
C ILE A 169 3.59 -17.47 11.50
N GLN A 170 4.21 -16.51 10.87
CA GLN A 170 5.31 -16.77 9.93
C GLN A 170 6.60 -16.36 10.67
N GLU A 171 7.70 -16.90 10.20
CA GLU A 171 9.01 -16.55 10.76
C GLU A 171 10.03 -16.52 9.60
N GLU A 172 10.97 -15.64 9.79
CA GLU A 172 12.04 -15.51 8.74
C GLU A 172 13.08 -14.63 9.42
N ASP A 173 14.32 -15.00 9.24
CA ASP A 173 15.46 -14.32 9.83
C ASP A 173 15.26 -14.16 11.36
N GLY A 174 14.68 -15.14 12.00
CA GLY A 174 14.53 -15.10 13.46
C GLY A 174 13.44 -14.16 13.91
N ILE A 175 12.71 -13.61 12.97
CA ILE A 175 11.60 -12.70 13.21
C ILE A 175 10.26 -13.36 12.88
N GLN A 176 9.29 -13.11 13.76
CA GLN A 176 7.93 -13.64 13.56
C GLN A 176 7.03 -12.48 13.10
N TYR A 177 6.08 -12.85 12.28
CA TYR A 177 5.05 -11.90 11.82
C TYR A 177 3.78 -12.64 11.43
N LYS A 178 2.71 -11.87 11.33
CA LYS A 178 1.43 -12.40 10.87
C LYS A 178 0.70 -11.44 9.94
N PHE A 179 0.02 -12.07 9.00
CA PHE A 179 -0.81 -11.38 8.00
C PHE A 179 -2.25 -11.30 8.56
N GLU A 180 -2.86 -10.18 8.33
CA GLU A 180 -4.25 -9.92 8.76
C GLU A 180 -4.86 -9.05 7.65
N VAL A 181 -6.13 -9.30 7.46
CA VAL A 181 -6.96 -8.58 6.51
C VAL A 181 -8.14 -7.96 7.27
N TYR A 182 -8.26 -6.65 7.14
CA TYR A 182 -9.38 -5.89 7.67
C TYR A 182 -10.21 -5.41 6.46
N GLN A 183 -11.50 -5.35 6.72
CA GLN A 183 -12.46 -5.00 5.66
C GLN A 183 -13.50 -4.01 6.15
N LYS A 184 -13.66 -2.96 5.37
CA LYS A 184 -14.65 -1.90 5.65
C LYS A 184 -15.70 -1.97 4.52
N SER A 185 -16.93 -2.07 4.96
CA SER A 185 -18.08 -2.17 4.07
C SER A 185 -18.87 -0.87 4.08
N VAL A 186 -18.94 -0.32 2.89
CA VAL A 186 -19.73 0.90 2.65
C VAL A 186 -20.89 0.54 1.68
CA CA B . 6.55 19.23 1.56
PA TAP C . 4.93 9.90 2.28
O1A TAP C . 3.49 9.76 2.55
O2A TAP C . 5.46 8.75 1.44
O5B TAP C . 5.37 11.31 1.55
C5B TAP C . 4.78 12.55 2.03
C4B TAP C . 4.55 13.54 0.94
O4B TAP C . 3.88 13.13 0.07
C3B TAP C . 3.88 14.85 1.52
O3B TAP C . 5.06 15.72 1.89
C2B TAP C . 3.30 15.33 0.16
O2B TAP C . 4.34 15.73 -0.71
C1B TAP C . 2.85 14.02 -0.41
N9A TAP C . 1.53 13.61 0.12
C8A TAP C . 1.38 12.74 1.14
N7A TAP C . 0.09 12.51 1.36
C5A TAP C . -0.53 13.41 0.40
C6A TAP C . -1.99 13.73 -0.01
N6A TAP C . -3.07 13.16 0.60
N1A TAP C . -2.21 14.59 -1.01
C2A TAP C . -1.09 15.08 -1.57
N3A TAP C . 0.21 14.86 -1.35
C4A TAP C . 0.40 14.02 -0.31
O3 TAP C . 5.82 9.93 3.55
PN TAP C . 5.95 9.23 4.97
O1N TAP C . 4.71 9.03 5.70
O2N TAP C . 6.95 9.88 5.75
O5D TAP C . 6.44 7.73 4.53
C5D TAP C . 7.71 7.43 3.91
C4D TAP C . 8.49 6.75 5.07
O4D TAP C . 7.60 5.66 5.46
C3D TAP C . 9.83 6.00 4.61
O3D TAP C . 10.60 5.69 5.82
C2D TAP C . 9.22 4.73 3.99
O2D TAP C . 10.24 3.69 4.08
C1D TAP C . 8.09 4.41 4.91
N1N TAP C . 7.09 3.42 4.34
C2N TAP C . 6.86 2.15 4.87
C3N TAP C . 5.93 1.34 4.36
C7N TAP C . 5.72 0.03 4.99
S7N TAP C . 4.96 -1.09 4.13
N7N TAP C . 6.06 -0.27 6.23
C4N TAP C . 5.01 1.73 3.17
C5N TAP C . 5.33 3.16 2.76
C6N TAP C . 6.26 3.88 3.32
P2B TAP C . 4.69 17.28 -0.87
O1X TAP C . 5.52 17.43 -2.13
O2X TAP C . 3.31 17.86 -1.02
O3X TAP C . 5.38 17.71 0.39
N1 HBI D . 3.72 -3.55 2.08
N2 HBI D . 3.54 -5.73 3.03
C2 HBI D . 4.35 -4.70 2.63
N3 HBI D . 5.71 -4.74 2.70
C4 HBI D . 6.63 -3.78 2.33
O4 HBI D . 7.91 -3.89 2.40
C4A HBI D . 5.96 -2.62 1.83
C8A HBI D . 4.57 -2.54 1.70
N8 HBI D . 3.92 -1.46 1.23
C7 HBI D . 4.69 -0.50 0.87
C6 HBI D . 6.07 -0.45 0.90
N5 HBI D . 6.70 -1.56 1.42
C9 HBI D . 6.91 0.70 0.45
O9 HBI D . 7.83 1.04 1.42
C10 HBI D . 7.32 0.96 -0.95
O10 HBI D . 8.36 -0.02 -1.33
C11 HBI D . 6.06 0.76 -1.77
#